data_4O7R
#
_entry.id   4O7R
#
_cell.length_a   43.800
_cell.length_b   153.070
_cell.length_c   77.690
_cell.angle_alpha   90.000
_cell.angle_beta   90.000
_cell.angle_gamma   90.000
#
_symmetry.space_group_name_H-M   'C 2 2 21'
#
loop_
_entity.id
_entity.type
_entity.pdbx_description
1 polymer 'Phosphoribosylaminoimidazole-succinocarboxamide synthase'
2 non-polymer "URIDINE-5'-MONOPHOSPHATE"
3 non-polymer "URIDINE-5'-DIPHOSPHATE"
4 non-polymer 'PHOSPHATE ION'
5 non-polymer 'ACETATE ION'
6 water water
#
_entity_poly.entity_id   1
_entity_poly.type   'polypeptide(L)'
_entity_poly.pdbx_seq_one_letter_code
;MVKLMEVYEGKAKKMIPIDDDKLIMEFKDDATAFDGTKKARFKGKGWLNAQLSVIFFKLLEEHGIKTHFIGVAGGNRLIV
EKLDMYPLEVVVRNVVAGSLKKRLPLPEGYELPEPIVELYYKNDELHDPMINYYHAKVLGISLDEIKKIEEIALKVNEIL
KDYLAKKGIILVDFKLEFGKDKNGDIVLADEISPDTCRFWDAKTKRSLDKDVFRFDKGDLIEAYKEIYERITGEKPEF
;
_entity_poly.pdbx_strand_id   A
#
# COMPACT_ATOMS: atom_id res chain seq x y z
N LYS A 11 9.19 -2.30 11.40
CA LYS A 11 10.09 -2.69 10.27
C LYS A 11 10.35 -1.52 9.30
N ALA A 12 9.31 -0.78 8.93
CA ALA A 12 9.45 0.44 8.11
C ALA A 12 8.74 1.68 8.70
N LYS A 13 7.96 1.48 9.77
CA LYS A 13 7.16 2.53 10.39
C LYS A 13 7.09 2.32 11.89
N LYS A 14 6.93 3.42 12.63
CA LYS A 14 6.64 3.40 14.08
C LYS A 14 5.23 3.96 14.34
N MET A 15 4.54 3.42 15.35
CA MET A 15 3.21 3.90 15.72
C MET A 15 3.29 4.48 17.13
N ILE A 16 3.02 5.78 17.24
CA ILE A 16 3.18 6.53 18.50
C ILE A 16 1.81 7.03 19.01
N PRO A 17 1.40 6.63 20.23
CA PRO A 17 0.08 7.01 20.76
C PRO A 17 -0.08 8.52 20.90
N ILE A 18 -1.31 9.01 20.71
CA ILE A 18 -1.65 10.39 21.10
C ILE A 18 -2.74 10.35 22.16
N ASP A 19 -3.87 9.73 21.82
CA ASP A 19 -4.90 9.44 22.80
C ASP A 19 -5.75 8.28 22.30
N ASP A 20 -7.02 8.26 22.69
CA ASP A 20 -7.95 7.22 22.30
C ASP A 20 -8.34 7.35 20.83
N ASP A 21 -8.42 8.58 20.33
CA ASP A 21 -8.93 8.84 18.99
C ASP A 21 -7.87 8.75 17.89
N LYS A 22 -6.62 9.01 18.26
CA LYS A 22 -5.61 9.18 17.22
C LYS A 22 -4.20 8.75 17.61
N LEU A 23 -3.38 8.50 16.61
CA LEU A 23 -1.98 8.19 16.86
C LEU A 23 -1.09 8.79 15.78
N ILE A 24 0.21 8.56 15.92
CA ILE A 24 1.22 9.04 14.98
C ILE A 24 1.72 7.84 14.19
N MET A 25 1.75 7.97 12.87
CA MET A 25 2.41 6.99 12.02
C MET A 25 3.68 7.66 11.52
N GLU A 26 4.81 7.08 11.92
CA GLU A 26 6.13 7.58 11.52
C GLU A 26 6.74 6.66 10.47
N PHE A 27 7.25 7.27 9.39
CA PHE A 27 7.86 6.55 8.27
C PHE A 27 9.36 6.60 8.39
N LYS A 28 9.97 5.42 8.49
CA LYS A 28 11.39 5.30 8.75
C LYS A 28 12.13 5.10 7.43
N ASP A 29 13.44 5.27 7.46
CA ASP A 29 14.26 5.05 6.28
C ASP A 29 14.49 3.58 6.01
N ASP A 30 14.19 2.74 7.01
CA ASP A 30 14.36 1.29 6.93
C ASP A 30 13.48 0.64 5.85
N ALA A 31 14.07 -0.29 5.11
CA ALA A 31 13.32 -1.08 4.14
C ALA A 31 13.65 -2.54 4.33
N THR A 32 12.67 -3.42 4.13
CA THR A 32 12.87 -4.86 4.23
C THR A 32 12.25 -5.54 3.02
N ALA A 33 12.62 -6.79 2.80
CA ALA A 33 12.07 -7.59 1.74
C ALA A 33 12.25 -9.05 2.13
N PHE A 34 11.57 -9.93 1.40
CA PHE A 34 11.64 -11.37 1.58
C PHE A 34 11.38 -11.82 3.03
N ASP A 35 10.20 -11.42 3.52
CA ASP A 35 9.73 -11.71 4.87
C ASP A 35 10.75 -11.20 5.88
N GLY A 36 11.16 -9.93 5.71
CA GLY A 36 12.11 -9.28 6.61
C GLY A 36 13.58 -9.71 6.56
N THR A 37 13.93 -10.67 5.71
CA THR A 37 15.31 -11.19 5.66
C THR A 37 16.33 -10.27 4.96
N LYS A 38 15.86 -9.41 4.06
CA LYS A 38 16.69 -8.42 3.41
C LYS A 38 16.44 -7.06 4.05
N LYS A 39 17.51 -6.36 4.47
CA LYS A 39 17.39 -5.07 5.17
C LYS A 39 18.39 -4.03 4.68
N ALA A 40 17.93 -2.80 4.51
CA ALA A 40 18.78 -1.65 4.18
C ALA A 40 18.07 -0.40 4.65
N ARG A 41 18.83 0.69 4.78
CA ARG A 41 18.24 1.99 5.05
C ARG A 41 18.49 2.89 3.85
N PHE A 42 17.51 3.73 3.53
CA PHE A 42 17.64 4.62 2.41
C PHE A 42 17.28 6.03 2.87
N LYS A 43 18.27 6.91 2.94
CA LYS A 43 18.09 8.25 3.48
C LYS A 43 17.11 9.00 2.58
N GLY A 44 16.08 9.57 3.20
CA GLY A 44 14.97 10.14 2.45
C GLY A 44 13.76 9.25 2.17
N LYS A 45 13.89 7.92 2.27
CA LYS A 45 12.76 6.99 1.98
C LYS A 45 11.53 7.16 2.85
N GLY A 46 11.73 7.53 4.12
CA GLY A 46 10.64 7.76 5.06
C GLY A 46 9.85 8.94 4.55
N TRP A 47 10.58 10.01 4.24
CA TRP A 47 9.99 11.26 3.78
C TRP A 47 9.21 11.04 2.52
N LEU A 48 9.74 10.25 1.60
CA LEU A 48 9.08 10.03 0.33
C LEU A 48 7.78 9.26 0.49
N ASN A 49 7.87 8.13 1.18
CA ASN A 49 6.71 7.31 1.48
C ASN A 49 5.64 8.01 2.32
N ALA A 50 6.07 8.83 3.29
CA ALA A 50 5.15 9.65 4.08
C ALA A 50 4.34 10.62 3.22
N GLN A 51 5.06 11.33 2.35
CA GLN A 51 4.50 12.34 1.48
C GLN A 51 3.65 11.77 0.37
N LEU A 52 4.06 10.63 -0.17
CA LEU A 52 3.27 9.97 -1.18
C LEU A 52 2.01 9.35 -0.53
N SER A 53 2.12 8.86 0.69
CA SER A 53 0.92 8.35 1.38
C SER A 53 -0.10 9.47 1.57
N VAL A 54 0.39 10.66 1.94
CA VAL A 54 -0.47 11.84 2.14
C VAL A 54 -1.24 12.19 0.86
N ILE A 55 -0.53 12.24 -0.27
CA ILE A 55 -1.13 12.60 -1.52
C ILE A 55 -2.20 11.58 -1.92
N PHE A 56 -1.86 10.29 -1.82
CA PHE A 56 -2.81 9.23 -2.08
C PHE A 56 -4.02 9.24 -1.14
N PHE A 57 -3.80 9.31 0.18
CA PHE A 57 -4.92 9.44 1.12
C PHE A 57 -5.84 10.63 0.82
N LYS A 58 -5.25 11.78 0.48
CA LYS A 58 -6.03 12.98 0.21
C LYS A 58 -6.82 12.81 -1.07
N LEU A 59 -6.19 12.16 -2.05
CA LEU A 59 -6.82 11.89 -3.34
C LEU A 59 -8.03 11.01 -3.16
N LEU A 60 -7.86 9.90 -2.42
CA LEU A 60 -8.93 8.93 -2.19
C LEU A 60 -10.08 9.50 -1.34
N GLU A 61 -9.74 10.23 -0.28
CA GLU A 61 -10.72 10.97 0.52
C GLU A 61 -11.65 11.83 -0.38
N GLU A 62 -11.07 12.55 -1.34
CA GLU A 62 -11.82 13.41 -2.25
C GLU A 62 -12.86 12.63 -3.01
N HIS A 63 -12.58 11.34 -3.21
CA HIS A 63 -13.39 10.44 -3.99
C HIS A 63 -14.37 9.66 -3.15
N GLY A 64 -14.48 10.00 -1.87
CA GLY A 64 -15.45 9.34 -0.98
C GLY A 64 -14.90 8.17 -0.20
N ILE A 65 -13.60 7.89 -0.34
CA ILE A 65 -12.94 6.79 0.40
C ILE A 65 -12.58 7.24 1.81
N LYS A 66 -13.14 6.58 2.82
CA LYS A 66 -12.78 6.86 4.21
C LYS A 66 -11.42 6.27 4.51
N THR A 67 -10.48 7.13 4.88
CA THR A 67 -9.15 6.71 5.25
C THR A 67 -8.85 7.14 6.67
N HIS A 68 -7.82 6.55 7.27
CA HIS A 68 -7.40 6.95 8.61
C HIS A 68 -6.66 8.26 8.65
N PHE A 69 -6.44 8.89 7.49
CA PHE A 69 -5.62 10.10 7.43
C PHE A 69 -6.26 11.35 8.06
N ILE A 70 -5.58 11.93 9.05
CA ILE A 70 -6.09 13.11 9.77
C ILE A 70 -5.27 14.37 9.45
N GLY A 71 -3.94 14.25 9.45
CA GLY A 71 -3.07 15.39 9.15
C GLY A 71 -1.60 15.05 9.24
N VAL A 72 -0.75 16.05 9.01
CA VAL A 72 0.71 15.85 9.02
C VAL A 72 1.32 16.39 10.32
N ALA A 73 2.33 15.70 10.82
CA ALA A 73 3.01 16.08 12.07
C ALA A 73 4.51 16.30 11.89
N GLY A 74 4.89 16.80 10.70
CA GLY A 74 6.27 17.19 10.42
C GLY A 74 7.11 16.18 9.64
N GLY A 75 7.02 16.23 8.32
CA GLY A 75 7.95 15.54 7.41
C GLY A 75 7.72 14.05 7.22
N ASN A 76 7.99 13.28 8.27
CA ASN A 76 7.94 11.81 8.23
C ASN A 76 6.78 11.19 9.04
N ARG A 77 6.05 12.03 9.77
CA ARG A 77 5.02 11.61 10.74
C ARG A 77 3.63 12.09 10.34
N LEU A 78 2.67 11.17 10.27
CA LEU A 78 1.27 11.52 9.98
C LEU A 78 0.40 11.31 11.21
N ILE A 79 -0.60 12.18 11.39
CA ILE A 79 -1.62 11.95 12.40
C ILE A 79 -2.70 11.11 11.75
N VAL A 80 -2.98 9.97 12.36
CA VAL A 80 -3.95 9.05 11.81
C VAL A 80 -4.92 8.63 12.91
N GLU A 81 -6.11 8.22 12.50
CA GLU A 81 -7.14 7.76 13.42
C GLU A 81 -6.80 6.40 14.02
N LYS A 82 -7.10 6.21 15.30
CA LYS A 82 -6.99 4.89 15.92
C LYS A 82 -8.12 3.99 15.43
N LEU A 83 -7.77 2.77 15.03
CA LEU A 83 -8.72 1.81 14.50
C LEU A 83 -8.48 0.47 15.13
N ASP A 84 -9.54 -0.35 15.19
CA ASP A 84 -9.42 -1.78 15.44
CA ASP A 84 -9.41 -1.78 15.44
C ASP A 84 -9.00 -2.40 14.11
N MET A 85 -7.74 -2.80 14.00
CA MET A 85 -7.21 -3.29 12.73
C MET A 85 -7.72 -4.65 12.38
N TYR A 86 -8.09 -4.84 11.12
CA TYR A 86 -8.35 -6.19 10.59
C TYR A 86 -7.01 -6.86 10.43
N PRO A 87 -6.91 -8.16 10.74
CA PRO A 87 -5.56 -8.75 10.58
C PRO A 87 -5.33 -9.19 9.14
N LEU A 88 -5.47 -8.25 8.20
CA LEU A 88 -5.36 -8.60 6.77
C LEU A 88 -4.41 -7.71 6.03
N GLU A 89 -3.82 -8.29 4.98
CA GLU A 89 -3.26 -7.54 3.89
C GLU A 89 -4.12 -7.85 2.65
N VAL A 90 -4.61 -6.79 2.02
CA VAL A 90 -5.59 -6.93 0.94
C VAL A 90 -4.88 -6.51 -0.34
N VAL A 91 -4.67 -7.45 -1.25
CA VAL A 91 -3.86 -7.15 -2.44
C VAL A 91 -4.72 -7.05 -3.70
N VAL A 92 -4.53 -5.97 -4.45
CA VAL A 92 -5.28 -5.79 -5.68
C VAL A 92 -4.27 -5.90 -6.82
N ARG A 93 -4.58 -6.72 -7.83
CA ARG A 93 -3.64 -6.98 -8.95
C ARG A 93 -4.27 -6.71 -10.31
N ASN A 94 -3.67 -5.81 -11.09
CA ASN A 94 -4.09 -5.51 -12.49
C ASN A 94 -3.18 -6.21 -13.52
N VAL A 95 -1.87 -6.24 -13.23
CA VAL A 95 -0.86 -6.84 -14.10
C VAL A 95 -0.14 -7.96 -13.31
N VAL A 96 0.16 -9.08 -13.99
CA VAL A 96 0.82 -10.21 -13.31
C VAL A 96 2.26 -9.82 -12.94
N ALA A 97 2.59 -10.03 -11.66
CA ALA A 97 3.92 -9.73 -11.12
C ALA A 97 4.10 -10.47 -9.80
N GLY A 98 5.34 -10.49 -9.29
CA GLY A 98 5.65 -11.13 -7.99
C GLY A 98 5.03 -12.50 -7.76
N SER A 99 4.37 -12.65 -6.62
CA SER A 99 3.87 -13.96 -6.16
C SER A 99 2.75 -14.57 -7.05
N LEU A 100 2.04 -13.72 -7.82
CA LEU A 100 0.98 -14.19 -8.72
C LEU A 100 1.51 -15.10 -9.85
N LYS A 101 2.77 -14.90 -10.21
CA LYS A 101 3.46 -15.76 -11.18
C LYS A 101 3.53 -17.24 -10.75
N LYS A 102 3.56 -17.48 -9.45
CA LYS A 102 3.62 -18.84 -8.87
C LYS A 102 2.23 -19.44 -8.64
N ARG A 103 1.21 -18.61 -8.79
CA ARG A 103 -0.16 -19.03 -8.50
C ARG A 103 -0.94 -19.24 -9.81
N LEU A 104 -0.52 -18.54 -10.86
CA LEU A 104 -1.13 -18.62 -12.19
C LEU A 104 -0.04 -18.70 -13.27
N PRO A 105 -0.23 -19.57 -14.28
CA PRO A 105 0.86 -19.77 -15.24
C PRO A 105 0.86 -18.65 -16.27
N LEU A 106 1.00 -17.42 -15.79
CA LEU A 106 0.96 -16.27 -16.66
C LEU A 106 2.29 -15.51 -16.50
N PRO A 107 2.74 -14.81 -17.56
CA PRO A 107 4.05 -14.15 -17.45
C PRO A 107 3.98 -12.80 -16.73
N GLU A 108 5.10 -12.38 -16.14
CA GLU A 108 5.26 -11.05 -15.60
C GLU A 108 4.88 -10.07 -16.70
N GLY A 109 3.97 -9.13 -16.39
CA GLY A 109 3.54 -8.14 -17.38
C GLY A 109 2.21 -8.47 -18.05
N TYR A 110 1.68 -9.65 -17.78
CA TYR A 110 0.37 -10.02 -18.33
C TYR A 110 -0.75 -9.12 -17.76
N GLU A 111 -1.51 -8.53 -18.68
CA GLU A 111 -2.62 -7.67 -18.33
C GLU A 111 -3.84 -8.52 -17.96
N LEU A 112 -4.25 -8.48 -16.70
CA LEU A 112 -5.43 -9.25 -16.26
C LEU A 112 -6.72 -8.71 -16.89
N PRO A 113 -7.68 -9.62 -17.21
CA PRO A 113 -8.94 -9.17 -17.85
C PRO A 113 -9.82 -8.36 -16.90
N GLU A 114 -9.61 -8.55 -15.60
CA GLU A 114 -10.21 -7.71 -14.56
C GLU A 114 -9.33 -7.76 -13.30
N PRO A 115 -9.49 -6.81 -12.35
CA PRO A 115 -8.65 -6.82 -11.17
C PRO A 115 -8.81 -8.10 -10.31
N ILE A 116 -7.71 -8.59 -9.75
CA ILE A 116 -7.73 -9.74 -8.85
C ILE A 116 -7.56 -9.20 -7.44
N VAL A 117 -8.44 -9.58 -6.52
CA VAL A 117 -8.25 -9.24 -5.11
C VAL A 117 -7.80 -10.48 -4.35
N GLU A 118 -6.70 -10.34 -3.58
CA GLU A 118 -6.23 -11.39 -2.68
C GLU A 118 -6.23 -10.96 -1.22
N LEU A 119 -6.60 -11.89 -0.36
CA LEU A 119 -6.62 -11.70 1.08
C LEU A 119 -5.48 -12.49 1.67
N TYR A 120 -4.71 -11.83 2.53
CA TYR A 120 -3.59 -12.45 3.25
C TYR A 120 -3.81 -12.23 4.73
N TYR A 121 -3.56 -13.25 5.53
CA TYR A 121 -3.66 -13.12 6.98
C TYR A 121 -2.32 -12.58 7.52
N LYS A 122 -2.36 -11.44 8.23
CA LYS A 122 -1.16 -10.86 8.83
C LYS A 122 -0.74 -11.68 10.01
N ASN A 123 0.27 -12.50 9.81
CA ASN A 123 0.77 -13.35 10.85
C ASN A 123 2.21 -13.66 10.50
N ASP A 124 3.12 -13.19 11.36
CA ASP A 124 4.55 -13.34 11.16
C ASP A 124 4.99 -14.79 11.22
N GLU A 125 4.44 -15.53 12.19
CA GLU A 125 4.74 -16.95 12.37
C GLU A 125 4.34 -17.81 11.17
N LEU A 126 3.26 -17.43 10.50
CA LEU A 126 2.78 -18.23 9.37
C LEU A 126 3.22 -17.65 8.01
N HIS A 127 4.04 -16.62 8.05
CA HIS A 127 4.56 -15.94 6.86
C HIS A 127 3.47 -15.41 5.96
N ASP A 128 2.49 -14.77 6.59
CA ASP A 128 1.39 -14.07 5.90
C ASP A 128 0.63 -14.90 4.86
N PRO A 129 0.06 -16.05 5.27
CA PRO A 129 -0.48 -16.95 4.26
C PRO A 129 -1.75 -16.37 3.58
N MET A 130 -2.00 -16.74 2.33
CA MET A 130 -3.24 -16.35 1.66
C MET A 130 -4.41 -17.06 2.30
N ILE A 131 -5.53 -16.35 2.42
CA ILE A 131 -6.74 -16.93 2.95
C ILE A 131 -7.91 -16.62 2.01
N ASN A 132 -9.03 -17.30 2.23
CA ASN A 132 -10.27 -16.96 1.56
C ASN A 132 -11.34 -16.50 2.58
N TYR A 133 -12.56 -16.26 2.10
CA TYR A 133 -13.67 -15.75 2.95
C TYR A 133 -14.00 -16.66 4.13
N TYR A 134 -13.81 -17.95 3.95
CA TYR A 134 -14.07 -18.89 5.03
C TYR A 134 -13.04 -18.77 6.15
N HIS A 135 -11.76 -18.64 5.79
CA HIS A 135 -10.71 -18.47 6.80
C HIS A 135 -11.00 -17.18 7.52
N ALA A 136 -11.29 -16.11 6.74
CA ALA A 136 -11.71 -14.81 7.27
C ALA A 136 -12.75 -14.89 8.40
N LYS A 137 -13.76 -15.73 8.18
CA LYS A 137 -14.87 -15.90 9.08
C LYS A 137 -14.40 -16.55 10.40
N VAL A 138 -13.58 -17.61 10.29
CA VAL A 138 -13.00 -18.25 11.45
C VAL A 138 -12.09 -17.26 12.17
N LEU A 139 -11.52 -16.33 11.41
CA LEU A 139 -10.74 -15.25 11.99
C LEU A 139 -11.62 -14.15 12.64
N GLY A 140 -12.95 -14.27 12.52
CA GLY A 140 -13.88 -13.30 13.14
C GLY A 140 -14.30 -12.14 12.25
N ILE A 141 -14.14 -12.32 10.94
CA ILE A 141 -14.42 -11.27 9.97
C ILE A 141 -15.60 -11.78 9.15
N SER A 142 -16.69 -11.03 9.20
CA SER A 142 -17.93 -11.48 8.58
C SER A 142 -17.85 -11.29 7.07
N LEU A 143 -18.63 -12.10 6.37
CA LEU A 143 -18.76 -12.05 4.92
C LEU A 143 -19.13 -10.66 4.39
N ASP A 144 -20.03 -9.97 5.10
CA ASP A 144 -20.41 -8.60 4.81
C ASP A 144 -19.24 -7.62 5.01
N GLU A 145 -18.46 -7.79 6.08
CA GLU A 145 -17.20 -7.03 6.24
C GLU A 145 -16.23 -7.26 5.07
N ILE A 146 -16.09 -8.52 4.64
CA ILE A 146 -15.14 -8.91 3.61
C ILE A 146 -15.55 -8.30 2.27
N LYS A 147 -16.84 -8.47 1.93
CA LYS A 147 -17.41 -7.86 0.75
C LYS A 147 -17.23 -6.35 0.67
N LYS A 148 -17.51 -5.61 1.75
CA LYS A 148 -17.20 -4.17 1.71
C LYS A 148 -15.72 -3.78 1.76
N ILE A 149 -14.87 -4.58 2.41
CA ILE A 149 -13.42 -4.42 2.29
C ILE A 149 -12.99 -4.54 0.79
N GLU A 150 -13.42 -5.60 0.12
CA GLU A 150 -13.07 -5.81 -1.30
C GLU A 150 -13.64 -4.72 -2.24
N GLU A 151 -14.92 -4.40 -2.04
CA GLU A 151 -15.56 -3.29 -2.73
C GLU A 151 -14.79 -1.99 -2.63
N ILE A 152 -14.36 -1.63 -1.42
CA ILE A 152 -13.50 -0.45 -1.25
C ILE A 152 -12.15 -0.59 -2.00
N ALA A 153 -11.45 -1.71 -1.82
CA ALA A 153 -10.16 -1.98 -2.50
C ALA A 153 -10.24 -1.83 -4.04
N LEU A 154 -11.34 -2.34 -4.63
CA LEU A 154 -11.57 -2.26 -6.08
C LEU A 154 -11.86 -0.82 -6.52
N LYS A 155 -12.51 -0.05 -5.65
CA LYS A 155 -12.78 1.37 -5.93
C LYS A 155 -11.48 2.17 -5.84
N VAL A 156 -10.70 1.90 -4.78
CA VAL A 156 -9.37 2.49 -4.61
C VAL A 156 -8.51 2.19 -5.84
N ASN A 157 -8.58 0.95 -6.31
CA ASN A 157 -7.86 0.53 -7.51
C ASN A 157 -8.17 1.44 -8.69
N GLU A 158 -9.46 1.60 -9.02
CA GLU A 158 -9.90 2.43 -10.15
C GLU A 158 -9.41 3.86 -9.98
N ILE A 159 -9.53 4.41 -8.78
CA ILE A 159 -9.08 5.79 -8.55
C ILE A 159 -7.56 5.92 -8.75
N LEU A 160 -6.78 5.00 -8.18
CA LEU A 160 -5.32 5.06 -8.30
C LEU A 160 -4.81 4.74 -9.70
N LYS A 161 -5.35 3.72 -10.36
CA LYS A 161 -4.88 3.41 -11.72
C LYS A 161 -5.15 4.52 -12.76
N ASP A 162 -6.29 5.20 -12.66
CA ASP A 162 -6.58 6.34 -13.56
C ASP A 162 -5.66 7.51 -13.27
N TYR A 163 -5.58 7.87 -11.99
CA TYR A 163 -4.68 8.93 -11.57
C TYR A 163 -3.24 8.68 -12.08
N LEU A 164 -2.74 7.46 -11.92
CA LEU A 164 -1.36 7.18 -12.25
C LEU A 164 -1.14 7.03 -13.76
N ALA A 165 -2.13 6.50 -14.49
CA ALA A 165 -2.03 6.41 -15.96
C ALA A 165 -1.85 7.76 -16.63
N LYS A 166 -2.41 8.81 -16.02
CA LYS A 166 -2.21 10.18 -16.51
C LYS A 166 -0.78 10.63 -16.38
N LYS A 167 -0.10 10.12 -15.34
CA LYS A 167 1.27 10.49 -15.07
C LYS A 167 2.27 9.50 -15.69
N GLY A 168 1.76 8.67 -16.61
CA GLY A 168 2.61 7.71 -17.32
C GLY A 168 3.07 6.56 -16.44
N ILE A 169 2.26 6.22 -15.43
CA ILE A 169 2.56 5.14 -14.51
C ILE A 169 1.51 4.03 -14.56
N ILE A 170 1.94 2.80 -14.86
CA ILE A 170 1.04 1.66 -14.74
C ILE A 170 1.02 1.17 -13.28
N LEU A 171 -0.18 1.13 -12.70
CA LEU A 171 -0.39 0.48 -11.40
C LEU A 171 -0.55 -1.04 -11.57
N VAL A 172 0.53 -1.75 -11.28
CA VAL A 172 0.61 -3.19 -11.48
C VAL A 172 -0.20 -3.95 -10.41
N ASP A 173 0.12 -3.71 -9.14
CA ASP A 173 -0.61 -4.25 -8.00
C ASP A 173 -0.33 -3.35 -6.80
N PHE A 174 -0.94 -3.65 -5.65
CA PHE A 174 -0.66 -2.89 -4.44
C PHE A 174 -1.36 -3.55 -3.26
N LYS A 175 -0.85 -3.31 -2.06
CA LYS A 175 -1.40 -3.88 -0.82
C LYS A 175 -2.09 -2.77 0.01
N LEU A 176 -3.29 -3.09 0.54
CA LEU A 176 -4.03 -2.24 1.46
C LEU A 176 -4.29 -2.91 2.81
N GLU A 177 -4.45 -2.10 3.85
CA GLU A 177 -4.86 -2.59 5.15
C GLU A 177 -5.99 -1.70 5.62
N PHE A 178 -6.81 -2.23 6.53
CA PHE A 178 -8.05 -1.60 6.94
C PHE A 178 -8.27 -1.79 8.42
N GLY A 179 -9.08 -0.92 9.02
CA GLY A 179 -9.59 -1.08 10.39
C GLY A 179 -11.00 -0.54 10.54
N LYS A 180 -11.66 -0.86 11.66
CA LYS A 180 -12.97 -0.30 11.99
C LYS A 180 -12.78 0.90 12.89
N ASP A 181 -13.48 2.00 12.61
CA ASP A 181 -13.54 3.12 13.55
C ASP A 181 -14.60 2.82 14.62
N LYS A 182 -14.84 3.79 15.52
CA LYS A 182 -15.80 3.59 16.63
C LYS A 182 -17.25 3.36 16.16
N ASN A 183 -17.58 3.77 14.94
CA ASN A 183 -18.94 3.57 14.40
C ASN A 183 -19.12 2.26 13.65
N GLY A 184 -18.04 1.48 13.58
CA GLY A 184 -18.06 0.18 12.95
C GLY A 184 -17.95 0.32 11.46
N ASP A 185 -17.51 1.49 11.01
CA ASP A 185 -17.23 1.75 9.62
C ASP A 185 -15.87 1.22 9.26
N ILE A 186 -15.76 0.70 8.04
CA ILE A 186 -14.52 0.16 7.55
C ILE A 186 -13.67 1.27 6.93
N VAL A 187 -12.48 1.46 7.51
CA VAL A 187 -11.65 2.61 7.22
C VAL A 187 -10.27 2.17 6.70
N LEU A 188 -9.87 2.69 5.54
CA LEU A 188 -8.55 2.41 4.94
C LEU A 188 -7.39 2.90 5.82
N ALA A 189 -6.40 2.04 6.03
CA ALA A 189 -5.36 2.29 7.05
C ALA A 189 -3.93 2.17 6.48
N ASP A 190 -2.96 1.83 7.34
CA ASP A 190 -1.53 1.73 6.96
C ASP A 190 -1.06 2.87 6.03
N GLU A 191 -0.41 2.50 4.91
CA GLU A 191 0.24 3.44 4.02
C GLU A 191 -0.09 3.11 2.57
N ILE A 192 0.17 4.05 1.66
CA ILE A 192 0.15 3.76 0.22
C ILE A 192 1.37 4.46 -0.36
N SER A 193 2.38 3.69 -0.77
CA SER A 193 3.66 4.25 -1.10
C SER A 193 4.33 3.32 -2.10
N PRO A 194 5.52 3.71 -2.64
CA PRO A 194 6.21 2.83 -3.57
C PRO A 194 6.73 1.55 -2.90
N ASP A 195 6.68 1.50 -1.56
CA ASP A 195 6.94 0.29 -0.78
C ASP A 195 5.81 -0.75 -0.94
N THR A 196 4.56 -0.28 -1.03
CA THR A 196 3.37 -1.15 -0.94
C THR A 196 2.54 -1.25 -2.26
N CYS A 197 3.13 -0.69 -3.32
CA CYS A 197 2.58 -0.79 -4.67
C CYS A 197 3.69 -1.20 -5.61
N ARG A 198 3.31 -1.83 -6.72
CA ARG A 198 4.16 -1.87 -7.89
C ARG A 198 3.75 -0.78 -8.86
N PHE A 199 4.75 -0.04 -9.34
CA PHE A 199 4.59 1.03 -10.31
C PHE A 199 5.53 0.79 -11.49
N TRP A 200 4.99 0.67 -12.70
CA TRP A 200 5.86 0.61 -13.88
C TRP A 200 5.75 1.84 -14.72
N ASP A 201 6.86 2.25 -15.33
CA ASP A 201 6.81 3.32 -16.32
C ASP A 201 5.98 2.83 -17.48
N ALA A 202 5.02 3.65 -17.91
CA ALA A 202 4.16 3.30 -19.07
C ALA A 202 4.90 2.93 -20.37
N LYS A 203 5.99 3.65 -20.68
CA LYS A 203 6.74 3.38 -21.90
C LYS A 203 7.75 2.26 -21.73
N THR A 204 8.60 2.35 -20.71
CA THR A 204 9.72 1.40 -20.57
C THR A 204 9.35 0.12 -19.81
N LYS A 205 8.27 0.17 -19.03
CA LYS A 205 7.83 -0.91 -18.14
C LYS A 205 8.77 -1.12 -16.95
N ARG A 206 9.68 -0.17 -16.68
CA ARG A 206 10.64 -0.30 -15.56
C ARG A 206 9.93 -0.09 -14.23
N SER A 207 10.41 -0.76 -13.19
CA SER A 207 9.86 -0.62 -11.85
C SER A 207 10.32 0.69 -11.24
N LEU A 208 9.38 1.45 -10.68
CA LEU A 208 9.68 2.61 -9.86
C LEU A 208 9.06 2.37 -8.45
N ASP A 209 9.52 1.31 -7.78
CA ASP A 209 8.89 0.81 -6.57
C ASP A 209 9.87 -0.07 -5.78
N LYS A 210 9.40 -0.75 -4.75
CA LYS A 210 10.30 -1.52 -3.89
C LYS A 210 10.97 -2.70 -4.60
N ASP A 211 10.49 -3.07 -5.79
CA ASP A 211 11.12 -4.16 -6.57
C ASP A 211 12.57 -3.85 -6.97
N VAL A 212 12.85 -2.57 -7.14
CA VAL A 212 14.23 -2.08 -7.35
C VAL A 212 15.16 -2.56 -6.23
N PHE A 213 14.70 -2.44 -4.99
CA PHE A 213 15.41 -2.96 -3.82
C PHE A 213 15.31 -4.47 -3.74
N ARG A 214 14.10 -5.01 -3.76
CA ARG A 214 13.88 -6.45 -3.73
C ARG A 214 14.86 -7.19 -4.66
N PHE A 215 14.87 -6.80 -5.94
CA PHE A 215 15.65 -7.54 -6.94
C PHE A 215 16.89 -6.81 -7.47
N ASP A 216 17.40 -5.83 -6.70
CA ASP A 216 18.61 -5.08 -7.06
C ASP A 216 18.58 -4.59 -8.49
N LYS A 217 17.66 -3.69 -8.80
CA LYS A 217 17.46 -3.27 -10.18
C LYS A 217 18.08 -1.91 -10.45
N GLY A 218 18.62 -1.30 -9.40
CA GLY A 218 19.23 0.02 -9.50
C GLY A 218 19.13 0.75 -8.19
N ASP A 219 18.97 2.07 -8.27
CA ASP A 219 18.95 2.95 -7.12
C ASP A 219 17.50 3.16 -6.66
N LEU A 220 17.20 2.66 -5.45
CA LEU A 220 15.84 2.73 -4.92
C LEU A 220 15.34 4.18 -4.77
N ILE A 221 16.21 5.04 -4.22
CA ILE A 221 15.91 6.46 -3.98
C ILE A 221 15.66 7.24 -5.27
N GLU A 222 16.40 6.92 -6.33
CA GLU A 222 16.16 7.55 -7.65
C GLU A 222 14.76 7.16 -8.14
N ALA A 223 14.47 5.85 -8.09
CA ALA A 223 13.16 5.33 -8.45
C ALA A 223 12.01 5.96 -7.66
N TYR A 224 12.19 6.12 -6.35
CA TYR A 224 11.14 6.75 -5.54
C TYR A 224 11.00 8.24 -5.83
N LYS A 225 12.13 8.91 -6.10
CA LYS A 225 12.15 10.34 -6.45
C LYS A 225 11.39 10.57 -7.75
N GLU A 226 11.60 9.68 -8.72
CA GLU A 226 10.89 9.71 -10.00
C GLU A 226 9.36 9.74 -9.83
N ILE A 227 8.85 8.78 -9.05
CA ILE A 227 7.42 8.71 -8.74
C ILE A 227 6.94 10.02 -8.14
N TYR A 228 7.71 10.51 -7.17
CA TYR A 228 7.35 11.74 -6.47
C TYR A 228 7.30 12.92 -7.45
N GLU A 229 8.35 13.04 -8.28
CA GLU A 229 8.42 14.09 -9.30
C GLU A 229 7.29 14.02 -10.32
N ARG A 230 6.96 12.80 -10.76
CA ARG A 230 5.87 12.59 -11.73
C ARG A 230 4.50 12.98 -11.21
N ILE A 231 4.26 12.72 -9.93
CA ILE A 231 2.99 13.03 -9.30
C ILE A 231 2.89 14.50 -8.93
N THR A 232 3.93 15.06 -8.31
CA THR A 232 3.85 16.40 -7.76
C THR A 232 4.33 17.48 -8.74
N GLY A 233 5.15 17.09 -9.70
CA GLY A 233 5.73 18.03 -10.66
C GLY A 233 6.92 18.79 -10.07
N GLU A 234 7.41 18.33 -8.93
CA GLU A 234 8.48 18.99 -8.19
C GLU A 234 9.56 18.02 -7.71
N LYS A 235 10.78 18.53 -7.59
CA LYS A 235 11.92 17.79 -7.03
C LYS A 235 11.81 17.83 -5.50
N PRO A 236 12.03 16.68 -4.83
CA PRO A 236 11.80 16.47 -3.38
C PRO A 236 12.68 17.32 -2.46
N GLU A 237 12.05 17.90 -1.43
CA GLU A 237 12.70 18.79 -0.48
C GLU A 237 13.52 18.05 0.59
N PHE A 238 13.09 16.83 0.93
CA PHE A 238 13.74 15.95 1.94
C PHE A 238 13.71 16.45 3.38
#